data_1YOL
#
_entry.id   1YOL
#
_cell.length_a   41.530
_cell.length_b   62.950
_cell.length_c   72.790
_cell.angle_alpha   100.38
_cell.angle_beta   89.16
_cell.angle_gamma   89.99
#
_symmetry.space_group_name_H-M   'P 1'
#
loop_
_entity.id
_entity.type
_entity.pdbx_description
1 polymer 'Proto-oncogene tyrosine-protein kinase Src'
2 non-polymer 1-{4-[4-AMINO-5-(3-METHOXYPHENYL)-7H-PYRROLO[2,3-D]PYRIMIDIN-7-YL]BENZYL}PIPERIDIN-4-OL
3 water water
#
_entity_poly.entity_id   1
_entity_poly.type   'polypeptide(L)'
_entity_poly.pdbx_seq_one_letter_code
;QTQGLAKDAWEIPRESLRLEVKLGQGCFGEVWMGTWNGTTRVAIKTLKPGTMSPEAFLQEAQVMKKLRHEKLVQLYAVVS
EEPIYIVTEYMNKGSLLDFLKGETGKYLRLPQLVDMSAQIASGMAYVERMNYVHRDLRAANILVGENLVCKVADFGLARL
IEDNEYTARQGAKFPIKWTAPEAALYGRFTIKSDVWSFGILLTELTTKGRVPYPGMVNREVLDQVERGYRMPCPPECPES
LHDLMCQCWRKEPEERPTFEYLQAFLEDYFTSTEPQYQPGENL
;
_entity_poly.pdbx_strand_id   A,B
#
loop_
_chem_comp.id
_chem_comp.type
_chem_comp.name
_chem_comp.formula
S03 non-polymer 1-{4-[4-AMINO-5-(3-METHOXYPHENYL)-7H-PYRROLO[2,3-D]PYRIMIDIN-7-YL]BENZYL}PIPERIDIN-4-OL 'C25 H27 N5 O2'
#
# COMPACT_ATOMS: atom_id res chain seq x y z
N ALA A 6 -7.37 45.05 -6.08
CA ALA A 6 -8.48 44.99 -7.08
C ALA A 6 -8.68 43.56 -7.56
N LYS A 7 -9.92 43.08 -7.52
CA LYS A 7 -10.23 41.70 -7.88
C LYS A 7 -10.63 41.57 -9.35
N ASP A 8 -10.50 40.37 -9.88
CA ASP A 8 -10.91 40.10 -11.25
C ASP A 8 -12.24 39.38 -11.29
N ALA A 9 -12.66 39.01 -12.50
CA ALA A 9 -13.98 38.46 -12.72
C ALA A 9 -14.16 37.00 -12.29
N TRP A 10 -13.09 36.41 -11.74
CA TRP A 10 -13.17 35.10 -11.08
C TRP A 10 -13.65 35.21 -9.64
N GLU A 11 -13.45 36.38 -9.04
CA GLU A 11 -13.87 36.62 -7.65
C GLU A 11 -15.37 36.39 -7.40
N ILE A 12 -15.67 35.72 -6.30
CA ILE A 12 -17.04 35.60 -5.80
C ILE A 12 -17.08 35.92 -4.29
N PRO A 13 -18.28 36.17 -3.74
CA PRO A 13 -18.35 36.36 -2.30
C PRO A 13 -18.33 34.99 -1.61
N ARG A 14 -17.63 34.90 -0.47
CA ARG A 14 -17.54 33.65 0.28
C ARG A 14 -18.91 33.08 0.63
N GLU A 15 -19.86 33.97 0.89
CA GLU A 15 -21.22 33.61 1.27
C GLU A 15 -21.92 32.70 0.25
N SER A 16 -21.48 32.76 -1.01
CA SER A 16 -22.04 31.90 -2.06
C SER A 16 -21.60 30.43 -1.93
N LEU A 17 -20.64 30.15 -1.04
CA LEU A 17 -20.11 28.80 -0.85
C LEU A 17 -20.60 28.14 0.44
N ARG A 18 -21.12 26.91 0.32
CA ARG A 18 -21.36 26.05 1.48
C ARG A 18 -20.46 24.81 1.39
N LEU A 19 -19.42 24.78 2.24
CA LEU A 19 -18.52 23.63 2.34
C LEU A 19 -19.20 22.46 3.07
N GLU A 20 -19.67 21.48 2.31
CA GLU A 20 -20.41 20.35 2.85
C GLU A 20 -19.48 19.20 3.34
N VAL A 21 -19.09 18.31 2.43
CA VAL A 21 -18.39 17.07 2.79
C VAL A 21 -16.87 17.19 2.61
N LYS A 22 -16.12 16.86 3.65
CA LYS A 22 -14.66 16.93 3.63
C LYS A 22 -14.08 15.78 2.78
N LEU A 23 -13.11 16.09 1.93
CA LEU A 23 -12.52 15.10 1.01
C LEU A 23 -11.07 14.75 1.33
N GLY A 24 -10.29 15.73 1.81
CA GLY A 24 -8.86 15.52 2.03
C GLY A 24 -8.17 16.68 2.74
N GLN A 25 -6.89 16.48 3.06
CA GLN A 25 -6.10 17.45 3.81
C GLN A 25 -4.62 17.27 3.51
N GLY A 26 -3.83 18.32 3.78
CA GLY A 26 -2.40 18.30 3.45
C GLY A 26 -1.59 19.41 4.12
N GLY A 29 -3.70 23.36 3.43
CA GLY A 29 -5.03 23.20 4.04
C GLY A 29 -5.80 21.97 3.59
N GLU A 30 -7.09 22.16 3.28
CA GLU A 30 -8.01 21.05 3.01
C GLU A 30 -8.65 21.15 1.61
N VAL A 31 -9.49 20.16 1.29
CA VAL A 31 -10.34 20.18 0.11
C VAL A 31 -11.71 19.63 0.49
N TRP A 32 -12.78 20.34 0.09
CA TRP A 32 -14.12 19.91 0.40
C TRP A 32 -15.01 19.77 -0.83
N MET A 33 -15.96 18.85 -0.71
CA MET A 33 -17.14 18.83 -1.56
C MET A 33 -18.03 19.98 -1.10
N GLY A 34 -18.87 20.51 -1.98
CA GLY A 34 -19.66 21.70 -1.63
C GLY A 34 -20.62 22.20 -2.68
N THR A 35 -21.18 23.38 -2.43
CA THR A 35 -22.17 24.00 -3.32
C THR A 35 -21.82 25.46 -3.59
N TRP A 36 -22.19 25.92 -4.79
CA TRP A 36 -21.93 27.29 -5.22
C TRP A 36 -23.22 27.93 -5.72
N ASN A 37 -23.50 29.14 -5.23
CA ASN A 37 -24.77 29.82 -5.54
C ASN A 37 -25.93 28.83 -5.35
N GLY A 38 -26.76 28.64 -6.36
CA GLY A 38 -27.93 27.78 -6.26
C GLY A 38 -27.58 26.29 -6.21
N THR A 39 -27.62 25.66 -7.38
CA THR A 39 -27.41 24.22 -7.50
C THR A 39 -26.21 23.94 -8.40
N THR A 40 -25.02 24.23 -7.88
CA THR A 40 -23.76 23.89 -8.57
C THR A 40 -22.80 23.19 -7.60
N ARG A 41 -22.58 21.90 -7.84
CA ARG A 41 -21.62 21.11 -7.06
C ARG A 41 -20.20 21.48 -7.45
N VAL A 42 -19.39 21.82 -6.45
CA VAL A 42 -18.00 22.21 -6.67
C VAL A 42 -17.06 21.51 -5.69
N ALA A 43 -15.76 21.65 -5.95
CA ALA A 43 -14.73 21.32 -4.97
C ALA A 43 -14.15 22.64 -4.50
N ILE A 44 -13.75 22.68 -3.23
CA ILE A 44 -13.20 23.90 -2.63
C ILE A 44 -11.90 23.59 -1.90
N LYS A 45 -10.82 24.25 -2.29
CA LYS A 45 -9.53 24.14 -1.61
C LYS A 45 -9.48 25.24 -0.59
N THR A 46 -9.02 24.90 0.61
CA THR A 46 -8.90 25.84 1.71
C THR A 46 -7.43 26.02 2.05
N LEU A 47 -7.12 27.16 2.65
CA LEU A 47 -5.78 27.43 3.17
C LEU A 47 -5.85 27.48 4.69
N LYS A 48 -5.24 26.50 5.35
CA LYS A 48 -5.19 26.47 6.81
C LYS A 48 -4.12 27.47 7.25
N PRO A 49 -4.54 28.57 7.93
CA PRO A 49 -3.68 29.72 8.25
C PRO A 49 -2.26 29.35 8.70
N GLY A 50 -1.26 30.03 8.11
CA GLY A 50 0.14 29.87 8.49
C GLY A 50 1.00 29.09 7.51
N THR A 51 0.44 28.01 6.93
CA THR A 51 1.22 27.03 6.17
C THR A 51 1.97 27.60 4.96
N MET A 52 1.32 28.50 4.23
CA MET A 52 1.96 29.19 3.10
C MET A 52 1.26 30.52 2.85
N SER A 53 1.97 31.43 2.19
CA SER A 53 1.48 32.79 1.99
C SER A 53 0.27 32.83 1.04
N PRO A 54 -0.56 33.89 1.14
CA PRO A 54 -1.67 34.07 0.22
C PRO A 54 -1.23 33.98 -1.25
N GLU A 55 -0.19 34.74 -1.59
CA GLU A 55 0.42 34.73 -2.93
C GLU A 55 0.76 33.30 -3.38
N ALA A 56 1.32 32.51 -2.47
CA ALA A 56 1.75 31.15 -2.78
C ALA A 56 0.56 30.20 -3.01
N PHE A 57 -0.46 30.31 -2.17
CA PHE A 57 -1.68 29.53 -2.35
C PHE A 57 -2.43 29.97 -3.62
N LEU A 58 -2.28 31.26 -3.96
CA LEU A 58 -2.79 31.81 -5.21
C LEU A 58 -1.74 31.80 -6.33
N GLN A 59 -0.88 30.78 -6.32
CA GLN A 59 -0.13 30.41 -7.51
C GLN A 59 -1.07 29.54 -8.33
N GLU A 60 -1.61 28.51 -7.67
CA GLU A 60 -2.43 27.47 -8.30
C GLU A 60 -3.64 28.04 -9.06
N ALA A 61 -4.31 29.01 -8.44
CA ALA A 61 -5.49 29.63 -9.03
C ALA A 61 -5.10 30.50 -10.21
N GLN A 62 -4.08 31.33 -10.04
CA GLN A 62 -3.61 32.21 -11.11
C GLN A 62 -3.22 31.46 -12.38
N VAL A 63 -2.56 30.30 -12.24
CA VAL A 63 -2.26 29.46 -13.39
C VAL A 63 -3.53 28.79 -13.92
N MET A 64 -4.40 28.37 -13.01
CA MET A 64 -5.66 27.74 -13.40
C MET A 64 -6.57 28.71 -14.17
N LYS A 65 -6.39 30.01 -13.93
CA LYS A 65 -7.15 31.05 -14.63
C LYS A 65 -6.79 31.10 -16.11
N LYS A 66 -5.51 30.90 -16.44
CA LYS A 66 -5.05 30.98 -17.84
C LYS A 66 -5.08 29.65 -18.58
N LEU A 67 -5.25 28.56 -17.86
CA LEU A 67 -5.30 27.22 -18.46
C LEU A 67 -6.73 26.71 -18.50
N ARG A 68 -7.28 26.54 -19.72
CA ARG A 68 -8.64 26.02 -19.89
C ARG A 68 -8.64 24.91 -20.93
N HIS A 69 -8.98 23.69 -20.50
CA HIS A 69 -8.97 22.52 -21.38
C HIS A 69 -9.83 21.42 -20.76
N GLU A 70 -10.37 20.52 -21.59
CA GLU A 70 -11.28 19.44 -21.14
C GLU A 70 -10.63 18.48 -20.14
N LYS A 71 -9.31 18.37 -20.22
CA LYS A 71 -8.53 17.42 -19.43
C LYS A 71 -7.65 18.10 -18.38
N LEU A 72 -7.96 19.36 -18.07
CA LEU A 72 -7.47 20.03 -16.86
C LEU A 72 -8.68 20.34 -16.00
N VAL A 73 -8.54 20.18 -14.70
CA VAL A 73 -9.63 20.47 -13.78
C VAL A 73 -9.94 21.96 -13.95
N GLN A 74 -11.22 22.29 -14.09
CA GLN A 74 -11.60 23.68 -14.42
C GLN A 74 -11.82 24.54 -13.18
N LEU A 75 -11.04 25.60 -13.07
CA LEU A 75 -11.36 26.67 -12.14
C LEU A 75 -12.77 27.25 -12.40
N TYR A 76 -13.51 27.46 -11.32
CA TYR A 76 -14.81 28.13 -11.34
C TYR A 76 -14.69 29.52 -10.74
N ALA A 77 -14.05 29.62 -9.58
CA ALA A 77 -14.02 30.87 -8.83
C ALA A 77 -12.87 30.86 -7.82
N VAL A 78 -12.68 32.02 -7.19
CA VAL A 78 -11.69 32.23 -6.15
C VAL A 78 -12.22 33.22 -5.11
N VAL A 79 -11.91 32.98 -3.85
CA VAL A 79 -12.07 33.99 -2.79
C VAL A 79 -10.64 34.35 -2.41
N SER A 80 -10.14 35.47 -2.91
CA SER A 80 -8.73 35.80 -2.79
C SER A 80 -8.40 36.65 -1.58
N GLU A 81 -9.34 36.73 -0.62
CA GLU A 81 -9.07 37.33 0.68
C GLU A 81 -9.44 36.34 1.79
N GLU A 82 -8.75 36.45 2.93
CA GLU A 82 -8.72 35.39 3.95
C GLU A 82 -10.03 35.23 4.74
N PRO A 83 -10.45 33.97 5.01
CA PRO A 83 -9.84 32.70 4.59
C PRO A 83 -9.97 32.43 3.08
N ILE A 84 -8.84 32.13 2.44
CA ILE A 84 -8.77 32.00 0.99
C ILE A 84 -9.29 30.67 0.46
N TYR A 85 -10.13 30.75 -0.57
CA TYR A 85 -10.73 29.58 -1.20
C TYR A 85 -10.51 29.56 -2.72
N ILE A 86 -10.18 28.38 -3.24
CA ILE A 86 -10.19 28.12 -4.68
C ILE A 86 -11.35 27.18 -4.98
N VAL A 87 -12.07 27.44 -6.08
CA VAL A 87 -13.24 26.65 -6.44
C VAL A 87 -13.12 26.10 -7.86
N THR A 88 -13.49 24.84 -8.03
CA THR A 88 -13.32 24.12 -9.29
C THR A 88 -14.46 23.14 -9.47
N GLU A 89 -14.57 22.57 -10.67
CA GLU A 89 -15.49 21.45 -10.88
C GLU A 89 -15.16 20.35 -9.90
N TYR A 90 -16.17 19.50 -9.65
CA TYR A 90 -16.06 18.40 -8.73
C TYR A 90 -15.80 17.11 -9.50
N MET A 91 -14.75 16.42 -9.10
CA MET A 91 -14.35 15.18 -9.75
C MET A 91 -14.75 14.02 -8.85
N ASN A 92 -15.88 13.40 -9.21
CA ASN A 92 -16.59 12.53 -8.26
C ASN A 92 -15.95 11.18 -7.97
N LYS A 93 -14.92 10.79 -8.74
CA LYS A 93 -14.13 9.59 -8.40
C LYS A 93 -12.77 9.86 -7.70
N GLY A 94 -12.49 11.12 -7.39
CA GLY A 94 -11.30 11.47 -6.61
C GLY A 94 -9.99 11.28 -7.37
N SER A 95 -8.93 10.90 -6.67
CA SER A 95 -7.60 10.88 -7.27
C SER A 95 -7.42 9.60 -8.04
N LEU A 96 -6.67 9.68 -9.14
CA LEU A 96 -6.32 8.52 -9.95
C LEU A 96 -5.62 7.47 -9.10
N LEU A 97 -4.70 7.91 -8.25
CA LEU A 97 -3.95 6.96 -7.42
C LEU A 97 -4.87 6.13 -6.53
N ASP A 98 -5.78 6.80 -5.85
CA ASP A 98 -6.79 6.12 -5.01
C ASP A 98 -7.72 5.22 -5.83
N PHE A 99 -8.08 5.65 -7.05
CA PHE A 99 -8.93 4.87 -7.95
C PHE A 99 -8.24 3.58 -8.39
N LEU A 100 -6.98 3.73 -8.80
CA LEU A 100 -6.15 2.62 -9.24
C LEU A 100 -5.97 1.54 -8.17
N LYS A 101 -5.79 2.01 -6.93
CA LYS A 101 -5.52 1.15 -5.77
C LYS A 101 -6.84 0.64 -5.19
N GLY A 102 -7.92 1.33 -5.52
CA GLY A 102 -9.22 0.98 -4.98
C GLY A 102 -9.85 -0.25 -5.59
N GLU A 103 -11.05 -0.54 -5.10
CA GLU A 103 -11.85 -1.70 -5.51
C GLU A 103 -12.13 -1.78 -7.02
N THR A 104 -12.40 -0.65 -7.67
CA THR A 104 -12.57 -0.63 -9.13
C THR A 104 -11.24 -0.83 -9.85
N GLY A 105 -10.19 -0.30 -9.25
CA GLY A 105 -8.85 -0.40 -9.79
C GLY A 105 -8.50 -1.76 -10.34
N LYS A 106 -8.83 -2.82 -9.62
CA LYS A 106 -8.38 -4.15 -10.04
C LYS A 106 -9.06 -4.64 -11.30
N TYR A 107 -10.20 -4.06 -11.66
CA TYR A 107 -10.85 -4.52 -12.90
C TYR A 107 -10.32 -3.83 -14.16
N LEU A 108 -9.61 -2.70 -13.99
CA LEU A 108 -9.05 -1.97 -15.14
C LEU A 108 -8.08 -2.86 -15.91
N ARG A 109 -8.24 -2.87 -17.22
CA ARG A 109 -7.32 -3.57 -18.09
C ARG A 109 -6.62 -2.52 -18.95
N LEU A 110 -5.69 -2.98 -19.77
CA LEU A 110 -4.83 -2.08 -20.53
C LEU A 110 -5.59 -1.10 -21.43
N PRO A 111 -6.72 -1.53 -22.05
CA PRO A 111 -7.46 -0.56 -22.85
C PRO A 111 -7.95 0.64 -22.06
N GLN A 112 -8.50 0.41 -20.87
CA GLN A 112 -8.92 1.48 -19.99
C GLN A 112 -7.72 2.30 -19.52
N LEU A 113 -6.64 1.64 -19.14
CA LEU A 113 -5.48 2.34 -18.53
C LEU A 113 -4.77 3.25 -19.58
N VAL A 114 -4.64 2.75 -20.79
CA VAL A 114 -4.05 3.51 -21.88
C VAL A 114 -4.93 4.71 -22.25
N ASP A 115 -6.24 4.50 -22.26
CA ASP A 115 -7.14 5.61 -22.53
C ASP A 115 -7.00 6.68 -21.47
N MET A 116 -6.90 6.27 -20.21
CA MET A 116 -6.62 7.22 -19.16
C MET A 116 -5.29 7.97 -19.43
N SER A 117 -4.29 7.26 -19.92
CA SER A 117 -2.98 7.89 -20.17
C SER A 117 -3.07 8.91 -21.34
N ALA A 118 -3.90 8.55 -22.34
CA ALA A 118 -4.13 9.39 -23.51
C ALA A 118 -4.79 10.70 -23.11
N GLN A 119 -5.74 10.63 -22.19
CA GLN A 119 -6.43 11.81 -21.67
C GLN A 119 -5.49 12.72 -20.88
N ILE A 120 -4.64 12.14 -20.03
CA ILE A 120 -3.62 12.90 -19.30
C ILE A 120 -2.64 13.53 -20.30
N ALA A 121 -2.15 12.75 -21.26
CA ALA A 121 -1.27 13.28 -22.31
C ALA A 121 -1.88 14.47 -23.06
N SER A 122 -3.19 14.42 -23.27
CA SER A 122 -3.91 15.50 -23.96
C SER A 122 -3.96 16.74 -23.14
N GLY A 123 -4.27 16.62 -21.85
CA GLY A 123 -4.23 17.80 -20.98
C GLY A 123 -2.81 18.39 -20.94
N MET A 124 -1.83 17.50 -20.91
CA MET A 124 -0.42 17.92 -20.81
C MET A 124 0.11 18.45 -22.15
N ALA A 125 -0.43 17.93 -23.27
CA ALA A 125 -0.19 18.50 -24.60
C ALA A 125 -0.66 19.93 -24.65
N TYR A 126 -1.79 20.21 -24.03
CA TYR A 126 -2.27 21.58 -23.87
C TYR A 126 -1.33 22.42 -22.99
N VAL A 127 -0.91 21.87 -21.85
CA VAL A 127 0.09 22.55 -21.01
C VAL A 127 1.33 22.89 -21.83
N GLU A 128 1.77 21.92 -22.63
CA GLU A 128 2.86 22.06 -23.57
C GLU A 128 2.68 23.20 -24.62
N ARG A 129 1.55 23.21 -25.31
CA ARG A 129 1.23 24.29 -26.28
C ARG A 129 1.18 25.67 -25.63
N MET A 130 0.69 25.74 -24.40
CA MET A 130 0.66 26.98 -23.64
C MET A 130 2.02 27.43 -23.04
N ASN A 131 3.05 26.61 -23.20
CA ASN A 131 4.37 26.94 -22.67
C ASN A 131 4.43 26.95 -21.15
N TYR A 132 3.67 26.05 -20.54
CA TYR A 132 3.68 25.93 -19.09
C TYR A 132 4.41 24.67 -18.68
N VAL A 133 4.68 24.54 -17.39
CA VAL A 133 5.34 23.36 -16.85
C VAL A 133 4.54 22.96 -15.62
N HIS A 134 4.27 21.68 -15.45
CA HIS A 134 3.44 21.27 -14.32
C HIS A 134 4.25 21.11 -13.02
N ARG A 135 5.35 20.36 -13.12
CA ARG A 135 6.35 20.13 -12.04
C ARG A 135 6.06 18.98 -11.07
N ASP A 136 4.80 18.54 -11.00
CA ASP A 136 4.41 17.50 -10.04
C ASP A 136 3.36 16.57 -10.64
N LEU A 137 3.68 16.09 -11.82
CA LEU A 137 2.83 15.21 -12.57
C LEU A 137 2.98 13.76 -12.09
N ARG A 138 1.85 13.20 -11.65
CA ARG A 138 1.78 11.83 -11.12
C ARG A 138 0.32 11.50 -10.82
N ALA A 139 0.03 10.22 -10.62
CA ALA A 139 -1.33 9.74 -10.44
C ALA A 139 -2.13 10.42 -9.30
N ALA A 140 -1.43 10.86 -8.25
CA ALA A 140 -2.06 11.50 -7.10
C ALA A 140 -2.58 12.87 -7.44
N ASN A 141 -2.03 13.45 -8.51
CA ASN A 141 -2.44 14.75 -8.99
C ASN A 141 -3.32 14.67 -10.25
N ILE A 142 -3.82 13.48 -10.57
CA ILE A 142 -4.78 13.32 -11.65
C ILE A 142 -6.11 13.03 -10.99
N LEU A 143 -7.16 13.67 -11.47
CA LEU A 143 -8.49 13.51 -10.89
C LEU A 143 -9.34 12.76 -11.85
N VAL A 144 -10.22 11.95 -11.28
CA VAL A 144 -11.06 11.01 -12.04
C VAL A 144 -12.51 11.40 -11.83
N GLY A 145 -13.26 11.37 -12.91
CA GLY A 145 -14.68 11.72 -12.88
C GLY A 145 -15.47 10.64 -13.56
N GLU A 146 -16.67 11.01 -13.95
CA GLU A 146 -17.60 10.07 -14.52
C GLU A 146 -17.07 9.61 -15.90
N ASN A 147 -17.32 8.34 -16.24
CA ASN A 147 -16.96 7.77 -17.53
C ASN A 147 -15.42 7.64 -17.70
N LEU A 148 -14.74 7.51 -16.56
CA LEU A 148 -13.29 7.41 -16.47
C LEU A 148 -12.60 8.60 -17.13
N VAL A 149 -13.21 9.77 -16.99
CA VAL A 149 -12.57 10.99 -17.41
C VAL A 149 -11.42 11.26 -16.43
N CYS A 150 -10.25 11.58 -16.97
CA CYS A 150 -9.07 11.96 -16.21
C CYS A 150 -8.68 13.36 -16.57
N LYS A 151 -8.44 14.17 -15.55
CA LYS A 151 -8.03 15.53 -15.69
C LYS A 151 -6.78 15.78 -14.84
N VAL A 152 -5.89 16.61 -15.38
CA VAL A 152 -4.71 17.07 -14.67
C VAL A 152 -5.11 18.15 -13.67
N ALA A 153 -4.56 18.05 -12.45
CA ALA A 153 -4.83 19.02 -11.37
C ALA A 153 -3.56 19.42 -10.63
N ASP A 154 -3.73 20.23 -9.58
CA ASP A 154 -2.67 20.51 -8.59
C ASP A 154 -1.42 21.17 -9.20
N PRO A 175 8.63 14.26 -4.40
CA PRO A 175 8.28 13.36 -5.48
C PRO A 175 9.49 13.06 -6.36
N ILE A 176 10.61 12.76 -5.70
CA ILE A 176 11.88 12.48 -6.36
C ILE A 176 11.75 11.33 -7.35
N LYS A 177 11.04 10.29 -6.94
CA LYS A 177 10.80 9.15 -7.78
C LYS A 177 10.09 9.47 -9.11
N TRP A 178 9.27 10.53 -9.13
CA TRP A 178 8.57 11.01 -10.35
C TRP A 178 9.28 12.15 -11.10
N THR A 179 10.40 12.64 -10.55
CA THR A 179 11.01 13.88 -11.02
C THR A 179 12.22 13.55 -11.85
N ALA A 180 12.31 14.11 -13.05
CA ALA A 180 13.50 13.88 -13.89
C ALA A 180 14.82 14.24 -13.15
N PRO A 181 15.93 13.56 -13.50
CA PRO A 181 17.20 13.82 -12.78
C PRO A 181 17.67 15.27 -12.87
N GLU A 182 17.70 15.86 -14.06
CA GLU A 182 18.08 17.27 -14.21
C GLU A 182 17.25 18.24 -13.37
N ALA A 183 16.01 17.85 -13.08
CA ALA A 183 15.08 18.70 -12.32
C ALA A 183 15.26 18.54 -10.81
N ALA A 184 15.38 17.28 -10.38
CA ALA A 184 15.62 16.91 -9.01
C ALA A 184 16.97 17.43 -8.56
N LEU A 185 17.99 17.25 -9.40
CA LEU A 185 19.34 17.68 -9.04
C LEU A 185 19.52 19.21 -9.13
N TYR A 186 19.12 19.81 -10.26
CA TYR A 186 19.48 21.19 -10.59
C TYR A 186 18.31 22.20 -10.73
N GLY A 187 17.09 21.76 -10.42
CA GLY A 187 15.90 22.61 -10.52
C GLY A 187 15.51 23.02 -11.93
N ARG A 188 15.97 22.26 -12.91
CA ARG A 188 15.65 22.50 -14.32
C ARG A 188 14.35 21.82 -14.72
N PHE A 189 13.24 22.42 -14.33
CA PHE A 189 11.94 21.88 -14.70
C PHE A 189 11.51 22.48 -16.03
N THR A 190 11.36 21.62 -17.05
CA THR A 190 10.77 21.97 -18.32
C THR A 190 9.60 21.01 -18.64
N ILE A 191 8.96 21.22 -19.78
CA ILE A 191 7.93 20.31 -20.23
C ILE A 191 8.53 18.94 -20.44
N LYS A 192 9.81 18.90 -20.82
CA LYS A 192 10.50 17.62 -20.98
C LYS A 192 10.72 16.88 -19.63
N SER A 193 10.79 17.59 -18.52
CA SER A 193 10.90 16.88 -17.25
C SER A 193 9.48 16.41 -16.85
N ASP A 194 8.46 17.12 -17.32
CA ASP A 194 7.08 16.64 -17.21
C ASP A 194 6.91 15.32 -17.98
N VAL A 195 7.56 15.21 -19.12
CA VAL A 195 7.50 13.99 -19.94
C VAL A 195 8.07 12.82 -19.17
N TRP A 196 9.19 13.05 -18.48
CA TRP A 196 9.79 12.06 -17.59
C TRP A 196 8.76 11.59 -16.60
N SER A 197 8.15 12.51 -15.89
CA SER A 197 7.16 12.20 -14.89
C SER A 197 5.98 11.39 -15.46
N PHE A 198 5.65 11.66 -16.73
CA PHE A 198 4.57 10.98 -17.41
C PHE A 198 4.96 9.54 -17.62
N GLY A 199 6.21 9.29 -18.00
CA GLY A 199 6.72 7.91 -18.10
C GLY A 199 6.53 7.11 -16.80
N ILE A 200 6.81 7.77 -15.68
CA ILE A 200 6.66 7.17 -14.33
C ILE A 200 5.18 6.93 -14.04
N LEU A 201 4.36 7.92 -14.38
CA LEU A 201 2.93 7.79 -14.30
C LEU A 201 2.41 6.58 -15.10
N LEU A 202 2.99 6.29 -16.25
CA LEU A 202 2.63 5.06 -16.98
C LEU A 202 2.90 3.78 -16.21
N THR A 203 3.96 3.76 -15.38
CA THR A 203 4.21 2.61 -14.49
C THR A 203 3.13 2.51 -13.40
N GLU A 204 2.70 3.64 -12.83
CA GLU A 204 1.60 3.64 -11.90
C GLU A 204 0.34 3.04 -12.56
N LEU A 205 0.04 3.46 -13.80
CA LEU A 205 -1.14 2.99 -14.48
C LEU A 205 -1.07 1.49 -14.67
N THR A 206 0.05 1.02 -15.20
CA THR A 206 0.22 -0.38 -15.56
C THR A 206 0.41 -1.34 -14.37
N THR A 207 0.67 -0.82 -13.17
CA THR A 207 0.77 -1.64 -11.95
C THR A 207 -0.40 -1.43 -11.03
N LYS A 208 -1.51 -0.89 -11.54
CA LYS A 208 -2.61 -0.47 -10.67
C LYS A 208 -2.18 0.37 -9.45
N GLY A 209 -1.25 1.29 -9.67
CA GLY A 209 -0.93 2.31 -8.68
C GLY A 209 0.20 2.00 -7.70
N ARG A 210 1.09 1.07 -8.04
CA ARG A 210 2.20 0.74 -7.15
C ARG A 210 3.23 1.89 -7.18
N VAL A 211 3.89 2.12 -6.06
CA VAL A 211 4.96 3.11 -5.95
C VAL A 211 6.07 2.70 -6.91
N PRO A 212 6.55 3.61 -7.76
CA PRO A 212 7.67 3.31 -8.65
C PRO A 212 8.94 2.89 -7.89
N TYR A 213 9.83 2.18 -8.57
CA TYR A 213 11.09 1.70 -7.97
C TYR A 213 10.84 0.97 -6.68
N PRO A 214 10.10 -0.16 -6.79
CA PRO A 214 9.71 -0.95 -5.63
C PRO A 214 10.92 -1.32 -4.77
N GLY A 215 10.79 -1.08 -3.47
CA GLY A 215 11.86 -1.37 -2.50
C GLY A 215 13.06 -0.42 -2.48
N MET A 216 13.04 0.64 -3.28
CA MET A 216 14.16 1.58 -3.35
C MET A 216 13.83 2.88 -2.64
N VAL A 217 14.75 3.31 -1.78
CA VAL A 217 14.65 4.62 -1.19
C VAL A 217 15.09 5.66 -2.19
N ASN A 218 14.77 6.91 -1.90
CA ASN A 218 15.00 8.04 -2.82
C ASN A 218 16.44 8.17 -3.26
N ARG A 219 17.37 7.99 -2.33
CA ARG A 219 18.82 8.01 -2.61
C ARG A 219 19.27 6.93 -3.56
N GLU A 220 18.81 5.70 -3.33
CA GLU A 220 19.05 4.58 -4.28
C GLU A 220 18.55 4.92 -5.68
N VAL A 221 17.35 5.51 -5.75
CA VAL A 221 16.69 5.86 -7.05
C VAL A 221 17.51 6.90 -7.79
N LEU A 222 17.89 7.96 -7.06
CA LEU A 222 18.79 8.96 -7.60
C LEU A 222 20.05 8.33 -8.11
N ASP A 223 20.71 7.58 -7.22
CA ASP A 223 22.01 6.97 -7.55
C ASP A 223 21.90 6.04 -8.73
N GLN A 224 20.88 5.17 -8.73
CA GLN A 224 20.72 4.17 -9.80
C GLN A 224 20.34 4.80 -11.14
N VAL A 225 19.36 5.69 -11.11
CA VAL A 225 18.94 6.41 -12.33
C VAL A 225 20.14 7.10 -12.98
N GLU A 226 20.96 7.78 -12.17
CA GLU A 226 22.15 8.45 -12.67
C GLU A 226 23.12 7.50 -13.36
N ARG A 227 23.18 6.26 -12.92
CA ARG A 227 24.01 5.25 -13.60
C ARG A 227 23.30 4.56 -14.76
N GLY A 228 22.10 5.02 -15.13
CA GLY A 228 21.42 4.51 -16.31
C GLY A 228 20.29 3.55 -16.05
N TYR A 229 20.04 3.20 -14.78
CA TYR A 229 18.97 2.27 -14.45
C TYR A 229 17.61 2.86 -14.79
N ARG A 230 16.76 2.04 -15.42
CA ARG A 230 15.36 2.39 -15.61
C ARG A 230 14.53 1.21 -15.14
N MET A 231 13.32 1.48 -14.65
CA MET A 231 12.37 0.42 -14.31
C MET A 231 12.16 -0.52 -15.49
N PRO A 232 12.15 -1.83 -15.22
CA PRO A 232 11.85 -2.77 -16.28
C PRO A 232 10.37 -2.79 -16.62
N CYS A 233 10.05 -3.47 -17.70
CA CYS A 233 8.69 -3.68 -18.17
C CYS A 233 7.84 -4.32 -17.08
N PRO A 234 6.78 -3.64 -16.61
CA PRO A 234 5.86 -4.26 -15.64
C PRO A 234 5.23 -5.56 -16.15
N PRO A 235 4.89 -6.48 -15.24
CA PRO A 235 4.33 -7.77 -15.67
C PRO A 235 3.10 -7.56 -16.58
N GLU A 236 3.05 -8.27 -17.70
CA GLU A 236 1.97 -8.15 -18.71
C GLU A 236 1.91 -6.82 -19.47
N CYS A 237 2.82 -5.89 -19.19
CA CYS A 237 2.85 -4.64 -19.93
C CYS A 237 3.51 -4.97 -21.27
N PRO A 238 2.86 -4.59 -22.38
CA PRO A 238 3.48 -4.87 -23.65
C PRO A 238 4.76 -4.07 -23.81
N GLU A 239 5.75 -4.70 -24.43
CA GLU A 239 7.04 -4.09 -24.65
C GLU A 239 6.94 -2.69 -25.33
N SER A 240 6.02 -2.54 -26.29
CA SER A 240 5.79 -1.25 -26.98
C SER A 240 5.46 -0.10 -26.03
N LEU A 241 4.72 -0.41 -24.96
CA LEU A 241 4.40 0.56 -23.92
C LEU A 241 5.63 0.83 -23.05
N HIS A 242 6.44 -0.20 -22.79
CA HIS A 242 7.63 0.01 -22.02
C HIS A 242 8.64 0.86 -22.78
N ASP A 243 8.85 0.55 -24.07
CA ASP A 243 9.73 1.34 -24.92
C ASP A 243 9.34 2.82 -24.80
N LEU A 244 8.04 3.10 -24.78
CA LEU A 244 7.56 4.48 -24.67
C LEU A 244 7.99 5.11 -23.36
N MET A 245 7.83 4.36 -22.26
CA MET A 245 8.35 4.78 -20.97
C MET A 245 9.82 5.12 -21.10
N CYS A 246 10.61 4.25 -21.71
CA CYS A 246 12.05 4.46 -21.88
C CYS A 246 12.39 5.73 -22.65
N GLN A 247 11.63 6.01 -23.70
CA GLN A 247 11.78 7.25 -24.43
C GLN A 247 11.53 8.46 -23.56
N CYS A 248 10.53 8.34 -22.69
CA CYS A 248 10.23 9.38 -21.72
C CYS A 248 11.35 9.57 -20.72
N TRP A 249 12.10 8.49 -20.47
CA TRP A 249 13.19 8.51 -19.52
C TRP A 249 14.58 8.68 -20.18
N ARG A 250 14.66 9.16 -21.43
CA ARG A 250 15.97 9.43 -22.03
C ARG A 250 16.74 10.45 -21.17
N LYS A 251 18.03 10.21 -20.98
CA LYS A 251 18.89 11.12 -20.20
C LYS A 251 18.75 12.56 -20.67
N GLU A 252 18.82 12.74 -21.98
CA GLU A 252 18.78 14.07 -22.55
C GLU A 252 17.33 14.55 -22.72
N PRO A 253 16.97 15.63 -22.00
CA PRO A 253 15.57 16.07 -22.03
C PRO A 253 15.04 16.24 -23.45
N GLU A 254 15.86 16.76 -24.35
CA GLU A 254 15.41 17.11 -25.70
C GLU A 254 15.11 15.89 -26.57
N GLU A 255 15.67 14.73 -26.21
CA GLU A 255 15.41 13.47 -26.90
C GLU A 255 14.06 12.84 -26.47
N ARG A 256 13.47 13.38 -25.41
CA ARG A 256 12.20 12.89 -24.91
C ARG A 256 11.05 13.34 -25.84
N PRO A 257 10.05 12.47 -26.02
CA PRO A 257 8.94 12.85 -26.89
C PRO A 257 8.17 14.05 -26.37
N THR A 258 7.37 14.64 -27.24
CA THR A 258 6.42 15.64 -26.85
C THR A 258 5.12 14.94 -26.35
N PHE A 259 4.35 15.68 -25.57
CA PHE A 259 3.05 15.22 -25.16
C PHE A 259 2.11 15.06 -26.35
N GLU A 260 2.23 15.95 -27.32
CA GLU A 260 1.51 15.83 -28.59
C GLU A 260 1.75 14.47 -29.17
N TYR A 261 3.01 14.08 -29.26
CA TYR A 261 3.36 12.73 -29.68
C TYR A 261 2.76 11.63 -28.74
N LEU A 262 2.89 11.83 -27.44
CA LEU A 262 2.37 10.82 -26.49
C LEU A 262 0.86 10.67 -26.65
N GLN A 263 0.15 11.77 -26.80
CA GLN A 263 -1.28 11.77 -26.95
C GLN A 263 -1.72 10.97 -28.19
N ALA A 264 -1.07 11.19 -29.33
CA ALA A 264 -1.38 10.48 -30.57
C ALA A 264 -1.08 9.00 -30.50
N PHE A 265 0.09 8.67 -29.95
CA PHE A 265 0.50 7.25 -29.78
C PHE A 265 -0.48 6.46 -28.89
N LEU A 266 -0.84 7.04 -27.76
CA LEU A 266 -1.71 6.40 -26.78
C LEU A 266 -3.14 6.37 -27.27
N GLU A 267 -3.59 7.45 -27.91
CA GLU A 267 -4.91 7.44 -28.56
C GLU A 267 -5.07 6.34 -29.57
N ASP A 268 -4.06 6.13 -30.42
CA ASP A 268 -4.12 5.15 -31.50
C ASP A 268 -3.54 3.80 -31.18
N TYR A 269 -3.20 3.56 -29.91
CA TYR A 269 -2.40 2.41 -29.49
C TYR A 269 -2.90 1.05 -29.98
N PHE A 270 -4.18 0.76 -29.78
CA PHE A 270 -4.69 -0.58 -30.09
C PHE A 270 -4.93 -0.85 -31.58
N THR A 271 -4.81 0.17 -32.42
CA THR A 271 -4.86 -0.03 -33.88
C THR A 271 -3.48 -0.01 -34.49
N SER A 272 -2.70 1.01 -34.17
CA SER A 272 -1.42 1.25 -34.83
C SER A 272 -0.24 0.52 -34.21
N THR A 273 -0.30 0.27 -32.90
CA THR A 273 0.87 -0.21 -32.15
C THR A 273 0.73 -1.63 -31.64
N GLU A 274 -0.42 -1.92 -31.03
CA GLU A 274 -0.70 -3.27 -30.50
C GLU A 274 -2.05 -3.74 -31.00
N PRO A 275 -2.17 -3.97 -32.32
CA PRO A 275 -3.42 -4.42 -32.91
C PRO A 275 -3.81 -5.86 -32.55
N GLN A 276 -2.88 -6.64 -32.01
CA GLN A 276 -3.20 -8.01 -31.62
C GLN A 276 -3.20 -8.19 -30.10
N TYR A 277 -3.47 -7.11 -29.37
CA TYR A 277 -3.61 -7.16 -27.91
C TYR A 277 -4.71 -8.12 -27.50
N GLN A 278 -4.40 -9.01 -26.54
CA GLN A 278 -5.41 -9.81 -25.88
C GLN A 278 -5.30 -9.64 -24.37
N PRO A 279 -6.45 -9.61 -23.66
CA PRO A 279 -6.45 -9.52 -22.19
C PRO A 279 -5.65 -10.66 -21.57
N GLY A 280 -5.02 -10.38 -20.43
CA GLY A 280 -4.27 -11.38 -19.68
C GLY A 280 -4.86 -11.43 -18.28
N GLU A 281 -4.10 -11.92 -17.31
CA GLU A 281 -4.58 -12.04 -15.92
C GLU A 281 -4.95 -10.68 -15.32
N ASN A 282 -4.16 -9.66 -15.63
CA ASN A 282 -4.27 -8.37 -14.97
C ASN A 282 -4.38 -7.14 -15.92
N LEU A 283 -3.83 -7.23 -17.13
CA LEU A 283 -3.81 -6.07 -18.07
C LEU A 283 -4.39 -6.44 -19.41
N ALA B 9 15.12 -37.50 3.65
CA ALA B 9 15.98 -36.36 3.21
C ALA B 9 16.10 -35.26 4.28
N TRP B 10 14.99 -34.99 4.96
CA TRP B 10 14.99 -34.03 6.07
C TRP B 10 15.62 -34.63 7.34
N GLU B 11 15.82 -35.95 7.37
CA GLU B 11 16.26 -36.67 8.57
C GLU B 11 17.70 -36.38 8.93
N ILE B 12 17.94 -36.19 10.23
CA ILE B 12 19.28 -35.90 10.75
C ILE B 12 19.55 -36.71 12.03
N PRO B 13 20.84 -36.94 12.33
CA PRO B 13 21.21 -37.67 13.55
C PRO B 13 20.94 -36.88 14.83
N ARG B 14 20.59 -37.58 15.89
CA ARG B 14 20.27 -36.97 17.18
C ARG B 14 21.45 -36.23 17.81
N GLU B 15 22.67 -36.61 17.44
CA GLU B 15 23.91 -36.03 17.98
C GLU B 15 24.26 -34.73 17.30
N SER B 16 23.71 -34.50 16.11
CA SER B 16 23.91 -33.25 15.39
C SER B 16 23.24 -32.05 16.06
N LEU B 17 22.30 -32.31 16.97
CA LEU B 17 21.55 -31.26 17.68
C LEU B 17 22.03 -31.03 19.11
N ARG B 18 22.19 -29.77 19.50
CA ARG B 18 22.41 -29.40 20.90
C ARG B 18 21.34 -28.40 21.31
N LEU B 19 20.54 -28.75 22.30
CA LEU B 19 19.53 -27.86 22.86
C LEU B 19 20.17 -27.02 23.96
N GLU B 20 20.39 -25.73 23.68
CA GLU B 20 21.17 -24.87 24.58
C GLU B 20 20.34 -24.10 25.60
N VAL B 21 19.28 -23.43 25.13
CA VAL B 21 18.47 -22.53 25.97
C VAL B 21 16.99 -22.72 25.68
N LYS B 22 16.22 -23.00 26.73
CA LYS B 22 14.77 -23.23 26.62
C LYS B 22 14.06 -21.89 26.37
N LEU B 23 13.21 -21.84 25.36
CA LEU B 23 12.50 -20.62 24.94
C LEU B 23 11.03 -20.60 25.39
N GLY B 24 10.42 -21.77 25.44
CA GLY B 24 9.00 -21.89 25.71
C GLY B 24 8.54 -23.33 25.86
N GLN B 25 7.33 -23.48 26.39
CA GLN B 25 6.85 -24.76 26.87
C GLN B 25 5.33 -24.76 26.89
N GLY B 26 4.75 -25.96 26.75
CA GLY B 26 3.30 -26.12 26.85
C GLY B 26 2.74 -27.27 26.02
N GLY B 29 4.87 -30.17 23.95
CA GLY B 29 6.25 -30.11 24.39
C GLY B 29 6.86 -28.72 24.49
N GLU B 30 8.13 -28.61 24.05
CA GLU B 30 8.96 -27.42 24.28
C GLU B 30 9.64 -26.89 23.02
N VAL B 31 10.28 -25.71 23.16
CA VAL B 31 11.07 -25.10 22.10
C VAL B 31 12.34 -24.48 22.68
N TRP B 32 13.48 -24.78 22.06
CA TRP B 32 14.78 -24.37 22.55
C TRP B 32 15.57 -23.67 21.46
N MET B 33 16.45 -22.75 21.84
CA MET B 33 17.52 -22.32 20.95
C MET B 33 18.62 -23.38 21.08
N GLY B 34 19.30 -23.64 19.97
CA GLY B 34 20.30 -24.68 19.93
C GLY B 34 21.21 -24.61 18.74
N THR B 35 21.93 -25.70 18.49
CA THR B 35 22.89 -25.77 17.41
C THR B 35 22.64 -27.05 16.61
N TRP B 36 22.96 -26.99 15.33
CA TRP B 36 22.83 -28.13 14.43
C TRP B 36 24.17 -28.27 13.69
N ASN B 37 24.75 -29.48 13.77
CA ASN B 37 26.12 -29.75 13.26
C ASN B 37 27.15 -28.79 13.82
N GLY B 38 26.97 -28.35 15.06
CA GLY B 38 27.93 -27.50 15.74
C GLY B 38 28.23 -26.15 15.09
N THR B 39 27.56 -25.83 13.97
CA THR B 39 27.80 -24.57 13.25
C THR B 39 26.56 -23.67 13.07
N THR B 40 25.37 -24.26 13.09
CA THR B 40 24.16 -23.55 12.68
C THR B 40 23.24 -23.28 13.87
N ARG B 41 22.97 -22.01 14.14
CA ARG B 41 21.93 -21.63 15.11
C ARG B 41 20.60 -22.16 14.60
N VAL B 42 19.83 -22.78 15.49
CA VAL B 42 18.54 -23.35 15.13
C VAL B 42 17.54 -23.23 16.28
N ALA B 43 16.26 -23.35 15.94
CA ALA B 43 15.21 -23.55 16.92
C ALA B 43 14.84 -25.02 16.82
N ILE B 44 14.57 -25.63 17.97
CA ILE B 44 14.28 -27.06 18.04
C ILE B 44 12.98 -27.25 18.81
N LYS B 45 11.98 -27.88 18.19
CA LYS B 45 10.68 -28.12 18.83
C LYS B 45 10.51 -29.61 19.09
N THR B 46 10.18 -29.95 20.33
CA THR B 46 10.05 -31.35 20.77
C THR B 46 8.60 -31.69 21.10
N LEU B 47 8.18 -32.89 20.72
CA LEU B 47 6.88 -33.44 21.12
C LEU B 47 7.08 -34.38 22.27
N LYS B 48 6.33 -34.18 23.36
CA LYS B 48 6.34 -35.12 24.47
C LYS B 48 5.67 -36.42 24.05
N PRO B 49 6.32 -37.58 24.29
CA PRO B 49 5.64 -38.85 24.01
C PRO B 49 4.53 -39.16 25.01
N GLY B 50 3.53 -39.93 24.57
CA GLY B 50 2.37 -40.27 25.41
C GLY B 50 1.49 -39.06 25.74
N THR B 51 1.46 -38.08 24.84
CA THR B 51 0.74 -36.83 25.06
C THR B 51 -0.08 -36.43 23.83
N MET B 52 0.59 -36.32 22.69
CA MET B 52 -0.08 -36.12 21.39
C MET B 52 0.42 -37.19 20.43
N SER B 53 -0.46 -37.63 19.54
CA SER B 53 -0.10 -38.64 18.55
C SER B 53 1.06 -38.14 17.69
N PRO B 54 2.14 -38.94 17.59
CA PRO B 54 3.28 -38.53 16.75
C PRO B 54 2.93 -38.43 15.27
N GLU B 55 1.90 -39.17 14.84
CA GLU B 55 1.44 -39.12 13.45
C GLU B 55 0.77 -37.79 13.15
N ALA B 56 0.11 -37.21 14.16
CA ALA B 56 -0.47 -35.87 14.05
C ALA B 56 0.60 -34.78 14.14
N PHE B 57 1.64 -35.01 14.95
CA PHE B 57 2.73 -34.05 15.13
C PHE B 57 3.70 -34.04 13.93
N LEU B 58 3.67 -35.10 13.13
CA LEU B 58 4.55 -35.23 11.95
C LEU B 58 3.90 -34.73 10.67
N GLN B 59 2.57 -34.73 10.62
CA GLN B 59 1.84 -34.13 9.49
C GLN B 59 1.93 -32.59 9.55
N GLU B 60 1.99 -32.04 10.76
CA GLU B 60 2.24 -30.62 10.96
C GLU B 60 3.47 -30.15 10.16
N ALA B 61 4.59 -30.86 10.32
CA ALA B 61 5.84 -30.47 9.65
C ALA B 61 5.90 -30.97 8.20
N GLN B 62 4.99 -31.87 7.82
CA GLN B 62 4.86 -32.27 6.41
C GLN B 62 4.51 -31.09 5.51
N VAL B 63 3.68 -30.18 6.02
CA VAL B 63 3.35 -28.96 5.28
C VAL B 63 4.47 -27.93 5.35
N MET B 64 5.22 -27.94 6.46
CA MET B 64 6.43 -27.12 6.54
C MET B 64 7.45 -27.53 5.48
N LYS B 65 7.47 -28.82 5.11
CA LYS B 65 8.32 -29.29 4.01
C LYS B 65 7.80 -28.76 2.67
N LYS B 66 6.48 -28.65 2.54
CA LYS B 66 5.86 -28.09 1.34
C LYS B 66 6.14 -26.60 1.21
N LEU B 67 5.87 -25.86 2.29
CA LEU B 67 5.89 -24.40 2.23
C LEU B 67 7.30 -23.81 2.34
N ARG B 68 7.67 -23.01 1.35
CA ARG B 68 9.00 -22.42 1.27
C ARG B 68 8.90 -20.95 0.84
N HIS B 69 9.14 -20.02 1.78
CA HIS B 69 9.02 -18.58 1.51
C HIS B 69 9.81 -17.75 2.56
N GLU B 70 10.37 -16.61 2.16
CA GLU B 70 11.22 -15.77 3.06
C GLU B 70 10.54 -15.29 4.35
N LYS B 71 9.22 -15.30 4.35
CA LYS B 71 8.41 -14.83 5.47
C LYS B 71 7.64 -15.96 6.14
N LEU B 72 7.98 -17.20 5.79
CA LEU B 72 7.55 -18.37 6.57
C LEU B 72 8.80 -18.96 7.20
N VAL B 73 8.67 -19.34 8.47
CA VAL B 73 9.78 -19.91 9.23
C VAL B 73 10.21 -21.19 8.51
N GLN B 74 11.49 -21.28 8.17
CA GLN B 74 11.99 -22.37 7.33
C GLN B 74 12.36 -23.61 8.13
N LEU B 75 11.72 -24.74 7.79
CA LEU B 75 12.10 -26.04 8.29
C LEU B 75 13.49 -26.40 7.76
N TYR B 76 14.34 -26.87 8.67
CA TYR B 76 15.71 -27.27 8.35
C TYR B 76 15.89 -28.77 8.38
N ALA B 77 15.23 -29.43 9.34
CA ALA B 77 15.46 -30.86 9.60
C ALA B 77 14.47 -31.41 10.60
N VAL B 78 14.35 -32.73 10.61
CA VAL B 78 13.48 -33.45 11.54
C VAL B 78 14.20 -34.70 12.10
N VAL B 79 13.67 -35.16 13.23
CA VAL B 79 13.97 -36.49 13.74
C VAL B 79 12.58 -37.10 13.95
N SER B 80 12.22 -38.06 13.08
CA SER B 80 10.82 -38.49 12.90
C SER B 80 10.29 -39.55 13.85
N GLU B 81 11.15 -40.43 14.34
CA GLU B 81 10.76 -41.42 15.35
C GLU B 81 10.64 -40.73 16.69
N GLU B 82 9.64 -41.10 17.49
CA GLU B 82 9.54 -40.66 18.88
C GLU B 82 10.81 -41.04 19.65
N PRO B 83 11.37 -40.10 20.44
CA PRO B 83 10.96 -38.71 20.60
C PRO B 83 11.28 -37.83 19.38
N ILE B 84 10.26 -37.14 18.87
CA ILE B 84 10.38 -36.35 17.65
C ILE B 84 11.02 -34.98 17.94
N TYR B 85 11.82 -34.52 16.99
CA TYR B 85 12.43 -33.21 17.05
C TYR B 85 12.20 -32.52 15.70
N ILE B 86 11.73 -31.27 15.76
CA ILE B 86 11.60 -30.39 14.60
C ILE B 86 12.63 -29.29 14.71
N VAL B 87 13.35 -29.09 13.62
CA VAL B 87 14.41 -28.11 13.56
C VAL B 87 14.08 -27.04 12.49
N THR B 88 14.10 -25.78 12.90
CA THR B 88 13.84 -24.67 11.97
C THR B 88 14.90 -23.61 12.13
N GLU B 89 14.88 -22.64 11.22
CA GLU B 89 15.68 -21.43 11.40
C GLU B 89 15.35 -20.80 12.74
N TYR B 90 16.29 -20.02 13.28
CA TYR B 90 16.14 -19.41 14.58
C TYR B 90 15.76 -17.94 14.42
N MET B 91 14.76 -17.51 15.18
CA MET B 91 14.23 -16.16 15.10
C MET B 91 14.56 -15.48 16.42
N ASN B 92 15.57 -14.62 16.39
CA ASN B 92 16.31 -14.27 17.60
C ASN B 92 15.67 -13.18 18.47
N LYS B 93 14.56 -12.61 18.02
CA LYS B 93 13.78 -11.69 18.86
C LYS B 93 12.50 -12.37 19.30
N GLY B 94 12.36 -13.67 19.02
CA GLY B 94 11.26 -14.45 19.51
C GLY B 94 9.93 -14.05 18.89
N SER B 95 8.86 -14.10 19.71
CA SER B 95 7.52 -13.92 19.24
C SER B 95 7.24 -12.43 19.08
N LEU B 96 6.52 -12.09 18.01
CA LEU B 96 6.08 -10.71 17.77
C LEU B 96 5.37 -10.14 18.99
N LEU B 97 4.46 -10.92 19.56
CA LEU B 97 3.74 -10.46 20.73
C LEU B 97 4.67 -10.03 21.87
N ASP B 98 5.57 -10.94 22.28
CA ASP B 98 6.59 -10.62 23.31
C ASP B 98 7.44 -9.41 22.92
N PHE B 99 7.85 -9.36 21.66
CA PHE B 99 8.68 -8.29 21.18
C PHE B 99 7.95 -6.96 21.29
N LEU B 100 6.70 -6.91 20.85
CA LEU B 100 5.88 -5.70 20.95
C LEU B 100 5.72 -5.24 22.39
N LYS B 101 5.53 -6.19 23.29
CA LYS B 101 5.30 -5.90 24.72
C LYS B 101 6.57 -5.48 25.45
N GLY B 102 7.73 -5.92 24.98
CA GLY B 102 8.96 -5.70 25.71
C GLY B 102 9.62 -4.35 25.55
N GLU B 103 10.82 -4.23 26.11
CA GLU B 103 11.57 -2.98 26.17
C GLU B 103 11.88 -2.34 24.81
N THR B 104 12.13 -3.13 23.79
CA THR B 104 12.36 -2.57 22.43
C THR B 104 11.06 -2.08 21.77
N GLY B 105 9.99 -2.84 21.96
CA GLY B 105 8.68 -2.51 21.42
C GLY B 105 8.22 -1.09 21.71
N LYS B 106 8.63 -0.51 22.83
CA LYS B 106 8.26 0.85 23.15
C LYS B 106 8.82 1.87 22.16
N TYR B 107 9.94 1.53 21.53
CA TYR B 107 10.55 2.43 20.56
C TYR B 107 9.97 2.33 19.15
N LEU B 108 9.35 1.20 18.82
CA LEU B 108 8.77 0.99 17.49
C LEU B 108 7.73 2.06 17.18
N ARG B 109 7.80 2.60 15.98
CA ARG B 109 6.83 3.59 15.52
C ARG B 109 6.14 3.06 14.27
N LEU B 110 5.14 3.80 13.79
CA LEU B 110 4.28 3.33 12.71
C LEU B 110 4.99 2.81 11.48
N PRO B 111 6.05 3.49 11.02
CA PRO B 111 6.80 2.94 9.87
C PRO B 111 7.35 1.53 10.09
N GLN B 112 7.85 1.26 11.30
CA GLN B 112 8.38 -0.07 11.62
C GLN B 112 7.21 -1.04 11.72
N LEU B 113 6.16 -0.64 12.40
CA LEU B 113 5.00 -1.49 12.66
C LEU B 113 4.27 -1.89 11.35
N VAL B 114 4.10 -0.91 10.45
CA VAL B 114 3.50 -1.16 9.14
C VAL B 114 4.35 -2.03 8.28
N ASP B 115 5.65 -1.79 8.30
CA ASP B 115 6.55 -2.64 7.52
C ASP B 115 6.50 -4.08 8.00
N MET B 116 6.46 -4.25 9.32
CA MET B 116 6.24 -5.55 9.89
C MET B 116 4.91 -6.20 9.42
N SER B 117 3.82 -5.44 9.36
CA SER B 117 2.52 -5.96 8.86
C SER B 117 2.57 -6.40 7.40
N ALA B 118 3.37 -5.68 6.62
CA ALA B 118 3.59 -5.97 5.20
C ALA B 118 4.32 -7.30 5.00
N GLN B 119 5.32 -7.57 5.83
CA GLN B 119 6.04 -8.83 5.74
C GLN B 119 5.10 -9.97 6.13
N ILE B 120 4.26 -9.76 7.15
CA ILE B 120 3.32 -10.81 7.54
C ILE B 120 2.30 -11.00 6.41
N ALA B 121 1.80 -9.90 5.86
CA ALA B 121 0.91 -9.94 4.68
C ALA B 121 1.54 -10.70 3.53
N SER B 122 2.81 -10.43 3.27
CA SER B 122 3.55 -11.15 2.22
C SER B 122 3.65 -12.65 2.46
N GLY B 123 3.88 -13.05 3.71
CA GLY B 123 3.89 -14.47 4.03
C GLY B 123 2.51 -15.08 3.91
N MET B 124 1.50 -14.36 4.37
CA MET B 124 0.12 -14.80 4.23
C MET B 124 -0.38 -14.81 2.76
N ALA B 125 0.14 -13.91 1.91
CA ALA B 125 -0.13 -13.97 0.46
C ALA B 125 0.44 -15.23 -0.15
N TYR B 126 1.56 -15.72 0.38
CA TYR B 126 2.10 -16.99 -0.08
C TYR B 126 1.20 -18.16 0.33
N VAL B 127 0.77 -18.16 1.58
CA VAL B 127 -0.19 -19.16 2.08
C VAL B 127 -1.46 -19.15 1.24
N GLU B 128 -1.96 -17.94 0.97
CA GLU B 128 -3.05 -17.68 0.04
C GLU B 128 -2.84 -18.29 -1.35
N ARG B 129 -1.71 -17.98 -1.99
CA ARG B 129 -1.45 -18.51 -3.34
C ARG B 129 -1.30 -20.03 -3.35
N MET B 130 -0.84 -20.60 -2.25
CA MET B 130 -0.75 -22.05 -2.11
C MET B 130 -2.08 -22.71 -1.66
N ASN B 131 -3.13 -21.93 -1.48
CA ASN B 131 -4.41 -22.45 -1.04
C ASN B 131 -4.30 -23.19 0.33
N TYR B 132 -3.49 -22.64 1.24
CA TYR B 132 -3.59 -23.04 2.62
C TYR B 132 -4.36 -22.01 3.45
N VAL B 133 -4.67 -22.39 4.69
CA VAL B 133 -5.39 -21.59 5.64
C VAL B 133 -4.59 -21.73 6.94
N HIS B 134 -4.29 -20.62 7.61
CA HIS B 134 -3.45 -20.68 8.81
C HIS B 134 -4.27 -21.03 10.05
N ARG B 135 -5.37 -20.31 10.26
CA ARG B 135 -6.36 -20.59 11.33
C ARG B 135 -6.06 -19.97 12.68
N ASP B 136 -4.78 -19.67 12.95
CA ASP B 136 -4.38 -19.06 14.22
C ASP B 136 -3.38 -17.92 13.99
N LEU B 137 -3.64 -17.11 12.97
CA LEU B 137 -2.86 -15.93 12.73
C LEU B 137 -3.08 -14.87 13.81
N ARG B 138 -2.01 -14.55 14.52
CA ARG B 138 -1.98 -13.49 15.52
C ARG B 138 -0.51 -13.24 15.91
N ALA B 139 -0.25 -12.15 16.61
CA ALA B 139 1.13 -11.76 16.99
C ALA B 139 1.94 -12.84 17.71
N ALA B 140 1.27 -13.73 18.46
CA ALA B 140 1.95 -14.79 19.24
C ALA B 140 2.53 -15.83 18.34
N ASN B 141 1.98 -15.91 17.14
CA ASN B 141 2.43 -16.89 16.17
C ASN B 141 3.20 -16.25 15.02
N ILE B 142 3.67 -15.02 15.22
CA ILE B 142 4.60 -14.40 14.30
C ILE B 142 5.94 -14.33 15.02
N LEU B 143 7.00 -14.61 14.28
CA LEU B 143 8.35 -14.59 14.85
C LEU B 143 9.16 -13.48 14.24
N VAL B 144 10.00 -12.88 15.09
CA VAL B 144 10.80 -11.72 14.74
C VAL B 144 12.28 -12.08 14.74
N GLY B 145 12.98 -11.59 13.74
CA GLY B 145 14.40 -11.82 13.57
C GLY B 145 15.12 -10.50 13.52
N GLU B 146 16.39 -10.54 13.15
CA GLU B 146 17.21 -9.33 13.03
C GLU B 146 16.67 -8.44 11.92
N ASN B 147 16.76 -7.13 12.10
CA ASN B 147 16.40 -6.16 11.07
C ASN B 147 14.85 -6.09 10.93
N LEU B 148 14.19 -6.34 12.06
CA LEU B 148 12.74 -6.44 12.18
C LEU B 148 12.11 -7.33 11.12
N VAL B 149 12.80 -8.40 10.75
CA VAL B 149 12.26 -9.42 9.89
C VAL B 149 11.16 -10.15 10.67
N CYS B 150 10.02 -10.40 10.01
CA CYS B 150 8.90 -11.12 10.60
C CYS B 150 8.50 -12.26 9.71
N LYS B 151 8.34 -13.43 10.32
CA LYS B 151 7.91 -14.63 9.61
C LYS B 151 6.73 -15.28 10.33
N VAL B 152 5.82 -15.82 9.53
CA VAL B 152 4.69 -16.56 9.99
C VAL B 152 5.16 -17.92 10.41
N ALA B 153 4.68 -18.38 11.56
CA ALA B 153 5.04 -19.69 12.08
C ALA B 153 3.84 -20.55 12.43
N ASP B 154 4.15 -21.75 12.90
CA ASP B 154 3.23 -22.64 13.64
C ASP B 154 2.12 -23.24 12.75
N PRO B 175 -9.11 -18.86 20.71
CA PRO B 175 -8.71 -17.50 20.46
C PRO B 175 -9.81 -16.81 19.66
N ILE B 176 -10.99 -16.70 20.30
CA ILE B 176 -12.19 -16.11 19.72
C ILE B 176 -11.96 -14.66 19.32
N LYS B 177 -11.16 -13.94 20.10
CA LYS B 177 -10.89 -12.54 19.82
C LYS B 177 -10.18 -12.34 18.48
N TRP B 178 -9.39 -13.30 18.02
CA TRP B 178 -8.69 -13.19 16.72
C TRP B 178 -9.40 -13.86 15.54
N THR B 179 -10.52 -14.54 15.83
CA THR B 179 -11.15 -15.47 14.90
C THR B 179 -12.37 -14.80 14.30
N ALA B 180 -12.51 -14.85 12.98
CA ALA B 180 -13.70 -14.32 12.32
C ALA B 180 -14.98 -15.01 12.84
N PRO B 181 -16.09 -14.26 12.90
CA PRO B 181 -17.36 -14.77 13.46
C PRO B 181 -17.86 -16.06 12.82
N GLU B 182 -17.79 -16.16 11.50
CA GLU B 182 -18.22 -17.35 10.78
C GLU B 182 -17.33 -18.57 11.07
N ALA B 183 -16.10 -18.31 11.51
CA ALA B 183 -15.17 -19.39 11.76
C ALA B 183 -15.34 -19.86 13.19
N ALA B 184 -15.48 -18.90 14.11
CA ALA B 184 -15.72 -19.20 15.51
C ALA B 184 -17.03 -19.97 15.70
N LEU B 185 -18.12 -19.46 15.12
CA LEU B 185 -19.48 -19.98 15.35
C LEU B 185 -19.77 -21.24 14.54
N TYR B 186 -19.43 -21.22 13.26
CA TYR B 186 -19.80 -22.28 12.32
C TYR B 186 -18.63 -23.09 11.77
N GLY B 187 -17.41 -22.78 12.23
CA GLY B 187 -16.23 -23.54 11.80
C GLY B 187 -15.84 -23.35 10.35
N ARG B 188 -16.25 -22.23 9.75
CA ARG B 188 -15.91 -21.96 8.35
C ARG B 188 -14.57 -21.24 8.32
N PHE B 189 -13.49 -22.00 8.41
CA PHE B 189 -12.12 -21.43 8.32
C PHE B 189 -11.65 -21.30 6.88
N THR B 190 -11.28 -20.08 6.48
CA THR B 190 -10.77 -19.82 5.15
C THR B 190 -9.67 -18.76 5.18
N ILE B 191 -9.02 -18.57 4.03
CA ILE B 191 -8.05 -17.49 3.90
C ILE B 191 -8.71 -16.17 4.28
N LYS B 192 -10.02 -16.06 4.02
CA LYS B 192 -10.76 -14.86 4.36
C LYS B 192 -11.01 -14.72 5.87
N SER B 193 -11.14 -15.83 6.58
CA SER B 193 -11.12 -15.70 8.03
C SER B 193 -9.67 -15.34 8.50
N ASP B 194 -8.65 -15.83 7.81
CA ASP B 194 -7.27 -15.36 8.09
C ASP B 194 -7.16 -13.85 7.96
N VAL B 195 -7.82 -13.30 6.95
CA VAL B 195 -7.78 -11.84 6.70
C VAL B 195 -8.38 -11.11 7.85
N TRP B 196 -9.47 -11.63 8.38
CA TRP B 196 -10.06 -11.11 9.61
C TRP B 196 -9.02 -11.09 10.72
N SER B 197 -8.38 -12.23 10.99
CA SER B 197 -7.34 -12.32 12.01
C SER B 197 -6.22 -11.30 11.74
N PHE B 198 -5.88 -11.07 10.47
CA PHE B 198 -4.86 -10.06 10.13
C PHE B 198 -5.27 -8.69 10.61
N GLY B 199 -6.56 -8.35 10.45
CA GLY B 199 -7.07 -7.07 10.94
C GLY B 199 -6.88 -6.88 12.45
N ILE B 200 -7.15 -7.92 13.22
CA ILE B 200 -6.96 -7.92 14.66
C ILE B 200 -5.46 -7.82 15.01
N LEU B 201 -4.65 -8.55 14.27
CA LEU B 201 -3.21 -8.48 14.39
C LEU B 201 -2.72 -7.03 14.15
N LEU B 202 -3.34 -6.31 13.20
CA LEU B 202 -3.01 -4.91 13.02
C LEU B 202 -3.28 -4.07 14.26
N THR B 203 -4.32 -4.41 15.02
CA THR B 203 -4.55 -3.74 16.32
C THR B 203 -3.45 -4.08 17.35
N GLU B 204 -3.01 -5.34 17.39
CA GLU B 204 -1.88 -5.74 18.24
C GLU B 204 -0.66 -4.88 17.91
N LEU B 205 -0.32 -4.78 16.63
CA LEU B 205 0.80 -3.96 16.17
C LEU B 205 0.74 -2.51 16.64
N THR B 206 -0.41 -1.89 16.49
CA THR B 206 -0.56 -0.47 16.75
C THR B 206 -0.77 -0.12 18.22
N THR B 207 -1.10 -1.11 19.05
CA THR B 207 -1.19 -0.92 20.51
C THR B 207 0.02 -1.49 21.26
N LYS B 208 1.04 -1.97 20.54
CA LYS B 208 2.24 -2.55 21.14
C LYS B 208 1.88 -3.83 21.89
N GLY B 209 0.98 -4.59 21.29
CA GLY B 209 0.70 -5.93 21.74
C GLY B 209 -0.36 -6.07 22.80
N ARG B 210 -1.25 -5.10 22.93
CA ARG B 210 -2.37 -5.25 23.86
C ARG B 210 -3.38 -6.28 23.34
N VAL B 211 -4.02 -7.00 24.26
CA VAL B 211 -5.08 -7.95 23.92
C VAL B 211 -6.18 -7.17 23.24
N PRO B 212 -6.82 -7.71 22.17
CA PRO B 212 -7.91 -7.00 21.49
C PRO B 212 -9.16 -6.92 22.36
N TYR B 213 -10.05 -5.98 22.05
CA TYR B 213 -11.33 -5.84 22.77
C TYR B 213 -11.07 -5.75 24.26
N PRO B 214 -10.31 -4.72 24.70
CA PRO B 214 -9.93 -4.57 26.11
C PRO B 214 -11.13 -4.50 27.07
N GLY B 215 -11.03 -5.25 28.16
CA GLY B 215 -12.10 -5.35 29.17
C GLY B 215 -13.25 -6.29 28.81
N MET B 216 -13.21 -6.93 27.63
CA MET B 216 -14.28 -7.79 27.17
C MET B 216 -13.92 -9.25 27.25
N VAL B 217 -14.76 -10.04 27.90
CA VAL B 217 -14.59 -11.49 27.85
C VAL B 217 -15.11 -12.01 26.48
N ASN B 218 -14.79 -13.27 26.18
CA ASN B 218 -15.10 -13.84 24.87
C ASN B 218 -16.56 -13.73 24.43
N ARG B 219 -17.49 -13.99 25.35
CA ARG B 219 -18.94 -13.93 25.06
C ARG B 219 -19.33 -12.53 24.68
N GLU B 220 -18.80 -11.59 25.44
CA GLU B 220 -18.99 -10.15 25.20
C GLU B 220 -18.55 -9.79 23.77
N VAL B 221 -17.40 -10.31 23.37
CA VAL B 221 -16.82 -10.05 22.05
C VAL B 221 -17.67 -10.66 20.93
N LEU B 222 -18.15 -11.90 21.12
CA LEU B 222 -19.09 -12.50 20.19
C LEU B 222 -20.37 -11.68 20.04
N ASP B 223 -21.06 -11.48 21.15
CA ASP B 223 -22.31 -10.72 21.14
C ASP B 223 -22.13 -9.36 20.46
N GLN B 224 -21.12 -8.62 20.87
CA GLN B 224 -20.86 -7.28 20.29
C GLN B 224 -20.49 -7.30 18.81
N VAL B 225 -19.60 -8.22 18.42
CA VAL B 225 -19.19 -8.31 17.02
C VAL B 225 -20.38 -8.72 16.10
N GLU B 226 -21.25 -9.60 16.58
CA GLU B 226 -22.43 -10.01 15.79
C GLU B 226 -23.41 -8.86 15.55
N ARG B 227 -23.43 -7.90 16.48
CA ARG B 227 -24.22 -6.68 16.32
C ARG B 227 -23.50 -5.56 15.55
N GLY B 228 -22.37 -5.86 14.92
CA GLY B 228 -21.65 -4.85 14.11
C GLY B 228 -20.57 -4.04 14.82
N TYR B 229 -20.34 -4.30 16.12
CA TYR B 229 -19.25 -3.62 16.83
C TYR B 229 -17.90 -4.00 16.22
N ARG B 230 -17.09 -2.99 15.92
CA ARG B 230 -15.68 -3.18 15.58
C ARG B 230 -14.83 -2.28 16.48
N MET B 231 -13.62 -2.75 16.79
CA MET B 231 -12.67 -1.96 17.57
C MET B 231 -12.49 -0.61 16.92
N PRO B 232 -12.49 0.46 17.73
CA PRO B 232 -12.25 1.78 17.18
C PRO B 232 -10.78 2.03 16.84
N CYS B 233 -10.53 3.14 16.16
CA CYS B 233 -9.17 3.52 15.80
C CYS B 233 -8.29 3.58 17.06
N PRO B 234 -7.19 2.82 17.08
CA PRO B 234 -6.28 2.94 18.22
C PRO B 234 -5.68 4.36 18.34
N PRO B 235 -5.37 4.80 19.56
CA PRO B 235 -4.74 6.10 19.76
C PRO B 235 -3.57 6.33 18.80
N GLU B 236 -3.56 7.48 18.15
CA GLU B 236 -2.50 7.89 17.21
C GLU B 236 -2.45 7.05 15.94
N CYS B 237 -3.32 6.06 15.80
CA CYS B 237 -3.32 5.26 14.59
C CYS B 237 -4.05 6.06 13.51
N PRO B 238 -3.46 6.23 12.33
CA PRO B 238 -4.21 7.01 11.34
C PRO B 238 -5.49 6.30 10.89
N GLU B 239 -6.52 7.10 10.60
CA GLU B 239 -7.81 6.61 10.14
C GLU B 239 -7.68 5.67 8.95
N SER B 240 -6.76 6.00 8.04
CA SER B 240 -6.50 5.18 6.85
C SER B 240 -6.11 3.74 7.20
N LEU B 241 -5.40 3.56 8.31
CA LEU B 241 -5.01 2.21 8.76
C LEU B 241 -6.17 1.51 9.45
N HIS B 242 -6.96 2.23 10.23
CA HIS B 242 -8.15 1.64 10.82
C HIS B 242 -9.17 1.20 9.74
N ASP B 243 -9.27 1.97 8.66
CA ASP B 243 -10.15 1.65 7.55
C ASP B 243 -9.80 0.28 6.96
N LEU B 244 -8.50 0.02 6.82
CA LEU B 244 -8.03 -1.26 6.31
C LEU B 244 -8.39 -2.39 7.27
N MET B 245 -8.29 -2.11 8.58
CA MET B 245 -8.73 -3.05 9.60
C MET B 245 -10.21 -3.35 9.42
N CYS B 246 -11.00 -2.30 9.31
CA CYS B 246 -12.44 -2.40 9.03
C CYS B 246 -12.76 -3.19 7.77
N GLN B 247 -11.95 -3.06 6.72
CA GLN B 247 -12.10 -3.93 5.53
C GLN B 247 -11.85 -5.41 5.82
N CYS B 248 -10.80 -5.69 6.60
CA CYS B 248 -10.52 -7.04 7.06
C CYS B 248 -11.66 -7.65 7.88
N TRP B 249 -12.38 -6.80 8.60
CA TRP B 249 -13.46 -7.22 9.47
C TRP B 249 -14.88 -7.10 8.81
N ARG B 250 -14.96 -7.05 7.48
CA ARG B 250 -16.29 -7.02 6.82
C ARG B 250 -17.03 -8.31 7.14
N LYS B 251 -18.33 -8.20 7.37
CA LYS B 251 -19.11 -9.39 7.78
C LYS B 251 -19.08 -10.43 6.69
N GLU B 252 -19.02 -9.99 5.43
CA GLU B 252 -19.06 -10.87 4.27
C GLU B 252 -17.61 -11.25 3.91
N PRO B 253 -17.22 -12.50 4.17
CA PRO B 253 -15.83 -12.89 3.91
C PRO B 253 -15.32 -12.54 2.50
N GLU B 254 -16.12 -12.79 1.46
CA GLU B 254 -15.68 -12.50 0.08
C GLU B 254 -15.38 -11.02 -0.20
N GLU B 255 -15.90 -10.12 0.63
CA GLU B 255 -15.65 -8.68 0.49
C GLU B 255 -14.40 -8.20 1.23
N ARG B 256 -13.84 -9.07 2.06
CA ARG B 256 -12.55 -8.81 2.70
C ARG B 256 -11.43 -8.84 1.65
N PRO B 257 -10.43 -7.94 1.77
CA PRO B 257 -9.35 -7.91 0.79
C PRO B 257 -8.50 -9.19 0.80
N THR B 258 -7.77 -9.40 -0.29
CA THR B 258 -6.79 -10.46 -0.35
C THR B 258 -5.56 -10.03 0.46
N PHE B 259 -4.69 -10.99 0.73
CA PHE B 259 -3.40 -10.70 1.34
C PHE B 259 -2.46 -10.00 0.36
N GLU B 260 -2.45 -10.43 -0.91
CA GLU B 260 -1.80 -9.72 -2.02
C GLU B 260 -2.06 -8.21 -1.99
N TYR B 261 -3.33 -7.87 -1.80
CA TYR B 261 -3.76 -6.49 -1.69
C TYR B 261 -3.33 -5.83 -0.36
N LEU B 262 -3.46 -6.56 0.74
CA LEU B 262 -2.98 -6.05 2.04
C LEU B 262 -1.47 -5.75 1.95
N GLN B 263 -0.71 -6.68 1.38
CA GLN B 263 0.72 -6.55 1.21
C GLN B 263 1.11 -5.27 0.48
N ALA B 264 0.48 -5.03 -0.67
CA ALA B 264 0.76 -3.89 -1.54
C ALA B 264 0.36 -2.60 -0.89
N PHE B 265 -0.79 -2.57 -0.25
CA PHE B 265 -1.23 -1.38 0.45
C PHE B 265 -0.25 -0.95 1.57
N LEU B 266 0.17 -1.92 2.36
CA LEU B 266 1.06 -1.65 3.50
C LEU B 266 2.48 -1.31 3.02
N GLU B 267 2.98 -1.99 1.99
CA GLU B 267 4.30 -1.67 1.43
C GLU B 267 4.37 -0.24 0.91
N ASP B 268 3.28 0.26 0.34
CA ASP B 268 3.26 1.60 -0.26
C ASP B 268 2.70 2.66 0.66
N TYR B 269 2.36 2.26 1.87
CA TYR B 269 1.60 3.09 2.78
C TYR B 269 2.08 4.55 2.94
N PHE B 270 3.35 4.73 3.24
CA PHE B 270 3.86 6.07 3.57
C PHE B 270 4.10 7.00 2.38
N THR B 271 3.95 6.47 1.17
CA THR B 271 3.98 7.29 -0.06
C THR B 271 2.56 7.52 -0.61
N SER B 272 1.79 6.45 -0.79
CA SER B 272 0.47 6.50 -1.41
C SER B 272 -0.71 6.86 -0.48
N THR B 273 -0.60 6.54 0.81
CA THR B 273 -1.74 6.62 1.71
C THR B 273 -1.52 7.66 2.80
N GLU B 274 -0.35 7.64 3.44
CA GLU B 274 -0.05 8.64 4.48
C GLU B 274 1.27 9.33 4.18
N PRO B 275 1.30 10.10 3.07
CA PRO B 275 2.49 10.84 2.65
C PRO B 275 2.92 11.94 3.63
N GLN B 276 2.00 12.46 4.42
CA GLN B 276 2.37 13.47 5.40
C GLN B 276 2.34 12.92 6.84
N TYR B 277 2.61 11.63 7.00
CA TYR B 277 2.78 11.04 8.33
C TYR B 277 3.86 11.79 9.12
N GLN B 278 3.54 12.13 10.36
CA GLN B 278 4.52 12.71 11.26
C GLN B 278 4.54 11.93 12.58
N PRO B 279 5.75 11.58 13.07
CA PRO B 279 5.90 10.84 14.33
C PRO B 279 5.17 11.52 15.47
N GLY B 280 4.56 10.73 16.33
CA GLY B 280 3.87 11.25 17.51
C GLY B 280 4.53 10.67 18.74
N GLU B 281 3.79 10.65 19.86
CA GLU B 281 4.32 10.13 21.12
C GLU B 281 4.55 8.61 21.18
N ASN B 282 3.76 7.85 20.45
CA ASN B 282 3.85 6.38 20.49
C ASN B 282 3.90 5.71 19.11
N LEU B 283 3.23 6.27 18.10
CA LEU B 283 3.29 5.68 16.74
C LEU B 283 3.98 6.64 15.77
N33 S03 C . -11.70 19.07 -7.54
C1 S03 C . -11.65 17.92 -6.82
N6 S03 C . -12.71 17.07 -6.87
C5 S03 C . -12.73 15.90 -6.19
C2 S03 C . -10.56 17.55 -6.00
C9 S03 C . -9.33 18.13 -5.72
C10 S03 C . -8.82 19.45 -6.18
C11 S03 C . -7.58 19.64 -6.78
C12 S03 C . -7.18 20.93 -7.16
C13 S03 C . -8.02 22.03 -6.93
C14 S03 C . -9.26 21.81 -6.31
O16 S03 C . -10.16 22.81 -6.06
C17 S03 C . -9.77 24.09 -5.62
C15 S03 C . -9.64 20.53 -5.95
C8 S03 C . -8.61 17.32 -4.83
C3 S03 C . -10.57 16.36 -5.31
N4 S03 C . -11.71 15.49 -5.40
N7 S03 C . -9.42 16.25 -4.61
C18 S03 C . -9.05 15.20 -3.84
C19 S03 C . -8.55 15.26 -2.53
C20 S03 C . -8.15 14.12 -1.78
C23 S03 C . -9.09 13.91 -4.36
C22 S03 C . -8.70 12.79 -3.66
C21 S03 C . -8.22 12.84 -2.35
C24 S03 C . -7.84 11.49 -1.74
N26 S03 C . -7.14 11.37 -0.47
C27 S03 C . -5.70 11.33 -0.43
C28 S03 C . -5.18 9.88 -0.37
C31 S03 C . -7.80 10.68 0.65
C30 S03 C . -7.48 9.17 0.58
C29 S03 C . -6.00 8.81 0.35
O32 S03 C . -5.34 8.44 1.57
N33 S03 D . 11.89 -20.81 15.29
C1 S03 D . 11.75 -20.14 16.45
N6 S03 D . 12.67 -19.22 16.79
C5 S03 D . 12.61 -18.49 17.94
C2 S03 D . 10.69 -20.33 17.36
C9 S03 D . 9.56 -21.15 17.38
C10 S03 D . 9.10 -22.19 16.42
C11 S03 D . 7.92 -22.04 15.70
C12 S03 D . 7.51 -23.05 14.83
C13 S03 D . 8.29 -24.22 14.70
C14 S03 D . 9.46 -24.37 15.45
O16 S03 D . 10.19 -25.53 15.29
C17 S03 D . 11.58 -25.62 15.63
C15 S03 D . 9.85 -23.36 16.30
C8 S03 D . 8.83 -20.92 18.54
C3 S03 D . 10.61 -19.59 18.52
N4 S03 D . 11.62 -18.61 18.84
N7 S03 D . 9.52 -19.95 19.19
C18 S03 D . 9.08 -19.45 20.35
C19 S03 D . 8.54 -20.32 21.31
C20 S03 D . 8.03 -19.86 22.51
C23 S03 D . 9.01 -18.08 20.66
C22 S03 D . 8.49 -17.61 21.89
C21 S03 D . 7.99 -18.51 22.83
C24 S03 D . 7.40 -18.21 24.19
N26 S03 D . 7.28 -16.83 24.65
C27 S03 D . 5.95 -16.39 25.02
C28 S03 D . 5.69 -16.66 26.49
C31 S03 D . 8.40 -16.29 25.40
C30 S03 D . 8.23 -16.74 26.85
C29 S03 D . 6.86 -16.42 27.46
O32 S03 D . 6.86 -15.09 27.98
#